data_8AWG
#
_entry.id   8AWG
#
_cell.length_a   82.381
_cell.length_b   112.628
_cell.length_c   62.730
_cell.angle_alpha   90.00
_cell.angle_beta   90.00
_cell.angle_gamma   90.00
#
_symmetry.space_group_name_H-M   'C 2 2 21'
#
loop_
_entity.id
_entity.type
_entity.pdbx_description
1 polymer '14-3-3 protein sigma'
2 polymer 'Estrogen receptor'
3 non-polymer 'MAGNESIUM ION'
4 non-polymer 2-chloranyl-~{N}-[[1-[2-(4-chloranylphenoxy)-2-methyl-propanoyl]piperidin-4-yl]methyl]ethanamide
5 water water
#
loop_
_entity_poly.entity_id
_entity_poly.type
_entity_poly.pdbx_seq_one_letter_code
_entity_poly.pdbx_strand_id
1 'polypeptide(L)'
;GAMGSMERASLIQKAKLAEQAERYEDMAAFMKGAVEKGEELSCEERNLLSVAYKNVVGGQRAAWRVLSSIEQKSNEEGSE
EKGPEVREYREKVETELQGVCDTVLGLLDSHLIKEAGDAESRVFYLKMKGDYYRYLAEVATGDDKKRIIDSARSAYQEAM
DISKKEMPPTNPIRLGLALNFSVFHYEIANSPEEAISLAKTTFDEAMADLHTLSEDSYKDSTLIMQLLRDNLTLWT
;
A
2 'polypeptide(L)' FPA(TPO)V B
#
loop_
_chem_comp.id
_chem_comp.type
_chem_comp.name
_chem_comp.formula
MG non-polymer 'MAGNESIUM ION' 'Mg 2'
O4I non-polymer 2-chloranyl-~{N}-[[1-[2-(4-chloranylphenoxy)-2-methyl-propanoyl]piperidin-4-yl]methyl]ethanamide 'C18 H24 Cl2 N2 O3'
#
# COMPACT_ATOMS: atom_id res chain seq x y z
N GLY A 1 -12.72 6.90 -20.74
CA GLY A 1 -12.56 5.68 -19.92
C GLY A 1 -13.47 4.65 -20.53
N ALA A 2 -12.96 3.41 -20.70
CA ALA A 2 -13.72 2.31 -21.25
C ALA A 2 -14.85 1.90 -20.33
N MET A 3 -14.76 2.28 -19.04
CA MET A 3 -15.87 1.98 -18.11
C MET A 3 -16.90 3.07 -18.02
N GLY A 4 -16.76 4.11 -18.84
CA GLY A 4 -17.65 5.25 -18.75
C GLY A 4 -19.14 4.97 -19.04
N SER A 5 -19.38 3.96 -19.87
CA SER A 5 -20.76 3.55 -20.18
C SER A 5 -21.38 2.55 -19.20
N MET A 6 -20.61 2.05 -18.22
CA MET A 6 -21.17 1.07 -17.29
C MET A 6 -21.64 1.72 -16.03
N GLU A 7 -22.81 1.28 -15.54
CA GLU A 7 -23.34 1.76 -14.26
C GLU A 7 -22.35 1.59 -13.12
N ARG A 8 -22.31 2.56 -12.20
CA ARG A 8 -21.48 2.44 -10.97
C ARG A 8 -21.79 1.12 -10.25
N ALA A 9 -23.07 0.78 -10.05
CA ALA A 9 -23.41 -0.38 -9.27
C ALA A 9 -22.92 -1.64 -9.97
N SER A 10 -22.99 -1.64 -11.30
CA SER A 10 -22.54 -2.76 -12.12
C SER A 10 -21.01 -2.95 -12.02
N LEU A 11 -20.29 -1.83 -11.98
CA LEU A 11 -18.83 -1.86 -11.79
C LEU A 11 -18.46 -2.49 -10.45
N ILE A 12 -19.18 -2.09 -9.39
CA ILE A 12 -18.96 -2.66 -8.05
C ILE A 12 -19.29 -4.14 -8.04
N GLN A 13 -20.41 -4.50 -8.65
CA GLN A 13 -20.81 -5.90 -8.71
C GLN A 13 -19.73 -6.73 -9.41
N LYS A 14 -19.27 -6.21 -10.55
CA LYS A 14 -18.23 -6.92 -11.30
C LYS A 14 -16.88 -6.97 -10.60
N ALA A 15 -16.53 -5.92 -9.84
CA ALA A 15 -15.30 -5.96 -9.05
C ALA A 15 -15.35 -7.12 -8.07
N LYS A 16 -16.51 -7.34 -7.45
CA LYS A 16 -16.70 -8.43 -6.52
C LYS A 16 -16.59 -9.79 -7.18
N LEU A 17 -17.15 -9.91 -8.38
CA LEU A 17 -17.01 -11.14 -9.16
C LEU A 17 -15.56 -11.39 -9.54
N ALA A 18 -14.87 -10.35 -10.02
CA ALA A 18 -13.47 -10.45 -10.38
C ALA A 18 -12.64 -10.90 -9.19
N GLU A 19 -12.92 -10.35 -8.00
CA GLU A 19 -12.23 -10.80 -6.79
C GLU A 19 -12.44 -12.33 -6.62
N GLN A 20 -13.69 -12.79 -6.75
CA GLN A 20 -13.98 -14.22 -6.53
C GLN A 20 -13.22 -15.09 -7.51
N ALA A 21 -13.05 -14.59 -8.74
CA ALA A 21 -12.33 -15.26 -9.80
C ALA A 21 -10.81 -15.05 -9.77
N GLU A 22 -10.31 -14.29 -8.80
CA GLU A 22 -8.91 -13.87 -8.70
C GLU A 22 -8.40 -13.16 -9.96
N ARG A 23 -9.26 -12.36 -10.56
CA ARG A 23 -8.96 -11.55 -11.76
C ARG A 23 -8.68 -10.11 -11.30
N TYR A 24 -7.54 -9.88 -10.67
CA TYR A 24 -7.29 -8.61 -9.95
C TYR A 24 -7.09 -7.43 -10.91
N GLU A 25 -6.50 -7.66 -12.09
CA GLU A 25 -6.38 -6.61 -13.08
C GLU A 25 -7.79 -6.12 -13.44
N ASP A 26 -8.69 -7.04 -13.76
CA ASP A 26 -10.08 -6.66 -14.04
C ASP A 26 -10.70 -5.91 -12.85
N MET A 27 -10.47 -6.46 -11.65
CA MET A 27 -11.07 -5.90 -10.41
C MET A 27 -10.62 -4.45 -10.29
N ALA A 28 -9.33 -4.21 -10.57
CA ALA A 28 -8.78 -2.86 -10.46
C ALA A 28 -9.37 -1.91 -11.50
N ALA A 29 -9.52 -2.42 -12.72
CA ALA A 29 -10.14 -1.62 -13.77
C ALA A 29 -11.59 -1.25 -13.46
N PHE A 30 -12.33 -2.19 -12.90
CA PHE A 30 -13.71 -1.92 -12.54
C PHE A 30 -13.73 -0.86 -11.43
N MET A 31 -12.87 -1.02 -10.42
CA MET A 31 -12.88 -0.06 -9.33
C MET A 31 -12.41 1.35 -9.76
N LYS A 32 -11.46 1.42 -10.69
CA LYS A 32 -11.03 2.69 -11.28
C LYS A 32 -12.25 3.34 -11.92
N GLY A 33 -13.01 2.56 -12.71
CA GLY A 33 -14.24 3.08 -13.31
C GLY A 33 -15.22 3.60 -12.30
N ALA A 34 -15.40 2.85 -11.21
CA ALA A 34 -16.29 3.26 -10.12
C ALA A 34 -15.84 4.57 -9.50
N VAL A 35 -14.54 4.70 -9.23
CA VAL A 35 -14.05 5.96 -8.64
C VAL A 35 -14.33 7.13 -9.57
N GLU A 36 -14.11 6.92 -10.85
CA GLU A 36 -14.23 7.97 -11.86
C GLU A 36 -15.68 8.41 -12.09
N LYS A 37 -16.65 7.68 -11.55
CA LYS A 37 -18.01 8.19 -11.50
C LYS A 37 -18.17 9.45 -10.67
N GLY A 38 -17.22 9.69 -9.75
CA GLY A 38 -17.16 10.93 -9.04
C GLY A 38 -17.80 10.95 -7.67
N GLU A 39 -18.54 9.91 -7.29
CA GLU A 39 -19.13 9.81 -5.97
C GLU A 39 -18.08 9.27 -4.97
N GLU A 40 -18.24 9.66 -3.70
CA GLU A 40 -17.39 9.11 -2.63
C GLU A 40 -17.62 7.60 -2.57
N LEU A 41 -16.66 6.88 -1.99
CA LEU A 41 -16.71 5.42 -1.82
C LEU A 41 -17.09 5.10 -0.39
N SER A 42 -17.94 4.10 -0.24
CA SER A 42 -18.23 3.52 1.05
C SER A 42 -17.01 2.76 1.60
N CYS A 43 -17.08 2.29 2.85
CA CYS A 43 -16.03 1.49 3.41
C CYS A 43 -15.77 0.21 2.60
N GLU A 44 -16.85 -0.50 2.25
CA GLU A 44 -16.74 -1.73 1.49
C GLU A 44 -16.08 -1.44 0.12
N GLU A 45 -16.48 -0.33 -0.48
CA GLU A 45 -15.97 0.06 -1.81
C GLU A 45 -14.48 0.46 -1.74
N ARG A 46 -14.11 1.19 -0.69
CA ARG A 46 -12.68 1.53 -0.45
C ARG A 46 -11.88 0.24 -0.35
N ASN A 47 -12.43 -0.76 0.35
CA ASN A 47 -11.68 -2.00 0.47
C ASN A 47 -11.53 -2.73 -0.86
N LEU A 48 -12.55 -2.63 -1.73
CA LEU A 48 -12.45 -3.29 -3.03
C LEU A 48 -11.32 -2.62 -3.83
N LEU A 49 -11.25 -1.30 -3.75
CA LEU A 49 -10.25 -0.55 -4.48
C LEU A 49 -8.86 -0.95 -4.00
N SER A 50 -8.69 -0.96 -2.68
CA SER A 50 -7.37 -1.28 -2.12
C SER A 50 -6.94 -2.71 -2.38
N VAL A 51 -7.87 -3.66 -2.22
CA VAL A 51 -7.53 -5.08 -2.48
C VAL A 51 -7.07 -5.25 -3.92
N ALA A 52 -7.82 -4.65 -4.86
CA ALA A 52 -7.53 -4.84 -6.29
C ALA A 52 -6.14 -4.37 -6.63
N TYR A 53 -5.83 -3.13 -6.31
CA TYR A 53 -4.50 -2.57 -6.68
C TYR A 53 -3.40 -3.23 -5.83
N LYS A 54 -3.67 -3.62 -4.59
CA LYS A 54 -2.63 -4.26 -3.79
C LYS A 54 -2.14 -5.54 -4.46
N ASN A 55 -3.09 -6.31 -5.00
CA ASN A 55 -2.82 -7.58 -5.66
C ASN A 55 -2.08 -7.34 -6.95
N VAL A 56 -2.51 -6.35 -7.72
CA VAL A 56 -1.87 -6.05 -8.98
C VAL A 56 -0.42 -5.65 -8.75
N VAL A 57 -0.23 -4.63 -7.91
CA VAL A 57 1.12 -4.10 -7.69
C VAL A 57 1.95 -5.11 -6.95
N GLY A 58 1.31 -5.93 -6.09
CA GLY A 58 2.05 -6.92 -5.36
C GLY A 58 2.73 -7.93 -6.30
N GLY A 59 2.00 -8.31 -7.35
CA GLY A 59 2.56 -9.18 -8.36
C GLY A 59 3.68 -8.51 -9.15
N GLN A 60 3.51 -7.23 -9.48
CA GLN A 60 4.53 -6.52 -10.22
C GLN A 60 5.82 -6.43 -9.36
N ARG A 61 5.66 -6.11 -8.07
CA ARG A 61 6.81 -5.97 -7.16
C ARG A 61 7.53 -7.32 -7.09
N ALA A 62 6.81 -8.43 -6.99
CA ALA A 62 7.47 -9.71 -6.87
C ALA A 62 8.28 -9.97 -8.11
N ALA A 63 7.69 -9.69 -9.27
CA ALA A 63 8.41 -9.90 -10.55
C ALA A 63 9.62 -8.99 -10.65
N TRP A 64 9.46 -7.70 -10.29
CA TRP A 64 10.56 -6.75 -10.35
C TRP A 64 11.73 -7.24 -9.51
N ARG A 65 11.43 -7.80 -8.34
CA ARG A 65 12.51 -8.28 -7.44
C ARG A 65 13.23 -9.47 -8.08
N VAL A 66 12.50 -10.38 -8.71
CA VAL A 66 13.14 -11.52 -9.41
C VAL A 66 14.11 -10.98 -10.43
N LEU A 67 13.63 -10.03 -11.24
CA LEU A 67 14.37 -9.51 -12.38
C LEU A 67 15.58 -8.67 -11.90
N SER A 68 15.37 -7.83 -10.88
CA SER A 68 16.46 -7.04 -10.32
C SER A 68 17.56 -7.93 -9.76
N SER A 69 17.20 -9.05 -9.14
CA SER A 69 18.19 -10.01 -8.59
C SER A 69 19.03 -10.61 -9.71
N ILE A 70 18.36 -11.02 -10.78
CA ILE A 70 19.07 -11.56 -11.96
C ILE A 70 20.02 -10.52 -12.49
N GLU A 71 19.56 -9.26 -12.58
CA GLU A 71 20.33 -8.16 -13.13
C GLU A 71 21.55 -7.91 -12.27
N GLN A 72 21.35 -7.97 -10.96
CA GLN A 72 22.44 -7.76 -10.01
C GLN A 72 23.55 -8.78 -10.21
N LYS A 73 23.15 -10.06 -10.28
CA LYS A 73 24.10 -11.14 -10.53
C LYS A 73 24.86 -10.95 -11.85
N SER A 74 24.19 -10.42 -12.88
CA SER A 74 24.80 -10.19 -14.18
C SER A 74 25.93 -9.18 -14.11
N ASN A 75 25.89 -8.31 -13.09
CA ASN A 75 26.88 -7.27 -12.93
C ASN A 75 27.96 -7.59 -11.90
N GLU A 76 28.02 -8.85 -11.44
CA GLU A 76 29.09 -9.32 -10.58
C GLU A 76 30.32 -9.67 -11.44
N GLU A 77 31.50 -9.62 -10.83
CA GLU A 77 32.75 -10.05 -11.47
C GLU A 77 32.64 -11.50 -11.90
N GLY A 78 33.04 -11.75 -13.15
CA GLY A 78 33.11 -13.10 -13.69
C GLY A 78 31.82 -13.57 -14.34
N SER A 79 30.80 -12.70 -14.31
CA SER A 79 29.52 -13.00 -14.94
C SER A 79 29.70 -12.74 -16.41
N GLU A 80 29.24 -13.68 -17.23
CA GLU A 80 29.34 -13.59 -18.69
C GLU A 80 28.36 -12.49 -19.17
N GLU A 81 28.82 -11.66 -20.12
CA GLU A 81 27.98 -10.60 -20.71
C GLU A 81 26.87 -11.24 -21.50
N LYS A 82 25.62 -10.88 -21.23
CA LYS A 82 24.48 -11.47 -21.92
C LYS A 82 23.64 -10.48 -22.73
N GLY A 83 24.14 -9.24 -22.84
CA GLY A 83 23.53 -8.18 -23.58
C GLY A 83 22.49 -7.42 -22.77
N PRO A 84 21.67 -6.58 -23.43
CA PRO A 84 20.82 -5.63 -22.73
C PRO A 84 19.50 -6.24 -22.25
N GLU A 85 19.25 -7.53 -22.51
CA GLU A 85 17.91 -8.05 -22.38
C GLU A 85 17.38 -8.03 -20.92
N VAL A 86 18.23 -8.36 -19.94
CA VAL A 86 17.80 -8.41 -18.55
C VAL A 86 17.40 -7.01 -18.09
N ARG A 87 18.25 -6.02 -18.37
CA ARG A 87 17.96 -4.61 -18.04
C ARG A 87 16.68 -4.16 -18.77
N GLU A 88 16.54 -4.48 -20.06
CA GLU A 88 15.38 -4.03 -20.80
C GLU A 88 14.09 -4.58 -20.17
N TYR A 89 14.12 -5.86 -19.81
CA TYR A 89 12.89 -6.54 -19.32
C TYR A 89 12.57 -6.07 -17.89
N ARG A 90 13.60 -5.89 -17.07
CA ARG A 90 13.40 -5.28 -15.72
C ARG A 90 12.81 -3.87 -15.89
N GLU A 91 13.31 -3.09 -16.86
CA GLU A 91 12.77 -1.78 -17.15
C GLU A 91 11.31 -1.84 -17.57
N LYS A 92 10.94 -2.83 -18.39
CA LYS A 92 9.57 -2.97 -18.84
C LYS A 92 8.63 -3.17 -17.66
N VAL A 93 9.00 -4.11 -16.80
CA VAL A 93 8.19 -4.46 -15.64
C VAL A 93 8.14 -3.22 -14.70
N GLU A 94 9.30 -2.60 -14.49
CA GLU A 94 9.38 -1.38 -13.68
C GLU A 94 8.42 -0.29 -14.18
N THR A 95 8.42 -0.06 -15.49
CA THR A 95 7.60 1.01 -16.05
C THR A 95 6.11 0.67 -15.84
N GLU A 96 5.73 -0.60 -16.00
CA GLU A 96 4.34 -0.98 -15.80
C GLU A 96 3.95 -0.79 -14.37
N LEU A 97 4.85 -1.17 -13.47
CA LEU A 97 4.64 -0.93 -12.02
C LEU A 97 4.46 0.53 -11.70
N GLN A 98 5.35 1.38 -12.20
CA GLN A 98 5.23 2.82 -11.97
C GLN A 98 3.92 3.33 -12.49
N GLY A 99 3.48 2.78 -13.62
CA GLY A 99 2.22 3.17 -14.20
C GLY A 99 1.04 2.90 -13.31
N VAL A 100 1.01 1.70 -12.75
CA VAL A 100 -0.03 1.33 -11.78
C VAL A 100 0.00 2.27 -10.58
N CYS A 101 1.19 2.55 -10.03
CA CYS A 101 1.31 3.46 -8.90
C CYS A 101 0.77 4.83 -9.25
N ASP A 102 1.14 5.33 -10.44
CA ASP A 102 0.69 6.64 -10.84
C ASP A 102 -0.81 6.68 -11.01
N THR A 103 -1.40 5.58 -11.48
CA THR A 103 -2.87 5.50 -11.66
C THR A 103 -3.55 5.62 -10.31
N VAL A 104 -3.05 4.86 -9.32
CA VAL A 104 -3.65 4.90 -7.98
C VAL A 104 -3.49 6.29 -7.37
N LEU A 105 -2.29 6.88 -7.49
CA LEU A 105 -2.04 8.20 -6.94
C LEU A 105 -2.94 9.22 -7.60
N GLY A 106 -3.17 9.01 -8.89
CA GLY A 106 -4.06 9.87 -9.64
C GLY A 106 -5.48 9.85 -9.15
N LEU A 107 -5.98 8.66 -8.82
CA LEU A 107 -7.33 8.53 -8.28
C LEU A 107 -7.42 9.20 -6.93
N LEU A 108 -6.37 9.04 -6.11
CA LEU A 108 -6.41 9.64 -4.78
C LEU A 108 -6.41 11.16 -4.91
N ASP A 109 -5.68 11.69 -5.88
CA ASP A 109 -5.56 13.14 -6.09
C ASP A 109 -6.73 13.75 -6.83
N SER A 110 -7.49 12.92 -7.53
CA SER A 110 -8.60 13.36 -8.37
C SER A 110 -9.80 12.42 -8.27
N HIS A 111 -10.61 12.51 -7.21
CA HIS A 111 -10.47 13.50 -6.15
C HIS A 111 -10.76 12.88 -4.78
N LEU A 112 -10.32 11.62 -4.57
CA LEU A 112 -10.72 10.89 -3.38
C LEU A 112 -10.33 11.58 -2.05
N ILE A 113 -9.09 12.03 -1.95
CA ILE A 113 -8.60 12.56 -0.72
C ILE A 113 -9.32 13.86 -0.38
N LYS A 114 -9.45 14.75 -1.36
CA LYS A 114 -9.98 16.07 -1.04
C LYS A 114 -11.42 15.99 -0.62
N GLU A 115 -12.17 14.97 -1.07
CA GLU A 115 -13.58 14.83 -0.69
C GLU A 115 -13.79 14.01 0.60
N ALA A 116 -12.71 13.40 1.14
CA ALA A 116 -12.79 12.55 2.32
C ALA A 116 -12.62 13.38 3.56
N GLY A 117 -13.71 13.54 4.30
CA GLY A 117 -13.76 14.34 5.52
C GLY A 117 -13.78 13.55 6.81
N ASP A 118 -14.36 12.36 6.76
CA ASP A 118 -14.38 11.55 7.93
C ASP A 118 -13.01 10.97 8.14
N ALA A 119 -12.60 10.85 9.40
CA ALA A 119 -11.27 10.32 9.67
C ALA A 119 -10.97 8.97 9.06
N GLU A 120 -11.94 8.05 9.09
CA GLU A 120 -11.71 6.71 8.62
C GLU A 120 -11.44 6.69 7.12
N SER A 121 -12.12 7.55 6.38
CA SER A 121 -11.88 7.58 4.93
C SER A 121 -10.58 8.31 4.61
N ARG A 122 -10.38 9.46 5.25
CA ARG A 122 -9.18 10.29 4.97
C ARG A 122 -7.90 9.52 5.36
N VAL A 123 -7.90 8.85 6.50
CA VAL A 123 -6.73 8.07 6.90
C VAL A 123 -6.48 6.92 5.94
N PHE A 124 -7.56 6.25 5.52
CA PHE A 124 -7.46 5.11 4.57
C PHE A 124 -6.78 5.57 3.29
N TYR A 125 -7.21 6.71 2.75
CA TYR A 125 -6.68 7.21 1.46
C TYR A 125 -5.25 7.71 1.63
N LEU A 126 -4.96 8.37 2.74
CA LEU A 126 -3.64 8.86 2.93
C LEU A 126 -2.63 7.73 3.13
N LYS A 127 -3.05 6.68 3.84
CA LYS A 127 -2.23 5.47 3.92
C LYS A 127 -1.93 4.91 2.52
N MET A 128 -2.96 4.84 1.67
CA MET A 128 -2.71 4.38 0.30
C MET A 128 -1.70 5.29 -0.41
N LYS A 129 -1.84 6.61 -0.24
CA LYS A 129 -0.93 7.52 -0.89
C LYS A 129 0.51 7.22 -0.45
N GLY A 130 0.71 7.04 0.87
CA GLY A 130 2.02 6.66 1.39
C GLY A 130 2.52 5.34 0.78
N ASP A 131 1.65 4.34 0.74
CA ASP A 131 1.99 3.02 0.26
C ASP A 131 2.47 3.08 -1.21
N TYR A 132 1.74 3.78 -2.06
CA TYR A 132 2.04 3.79 -3.51
C TYR A 132 3.28 4.65 -3.77
N TYR A 133 3.54 5.70 -3.00
CA TYR A 133 4.84 6.41 -3.10
C TYR A 133 5.94 5.48 -2.59
N ARG A 134 5.68 4.67 -1.55
CA ARG A 134 6.67 3.69 -1.07
C ARG A 134 7.03 2.71 -2.20
N TYR A 135 6.06 2.23 -2.94
CA TYR A 135 6.33 1.28 -4.06
C TYR A 135 7.15 2.01 -5.12
N LEU A 136 6.83 3.26 -5.40
CA LEU A 136 7.66 4.04 -6.31
C LEU A 136 9.07 4.14 -5.78
N ALA A 137 9.20 4.37 -4.48
CA ALA A 137 10.53 4.48 -3.87
C ALA A 137 11.35 3.23 -4.01
N GLU A 138 10.72 2.06 -3.94
CA GLU A 138 11.42 0.80 -3.98
C GLU A 138 12.23 0.67 -5.29
N VAL A 139 11.74 1.25 -6.37
CA VAL A 139 12.37 1.11 -7.70
C VAL A 139 13.11 2.35 -8.12
N ALA A 140 13.04 3.41 -7.31
CA ALA A 140 13.67 4.70 -7.64
C ALA A 140 15.16 4.65 -7.45
N THR A 141 15.90 5.15 -8.44
CA THR A 141 17.37 5.16 -8.37
C THR A 141 17.97 6.47 -8.79
N GLY A 142 17.13 7.45 -9.10
CA GLY A 142 17.54 8.69 -9.74
C GLY A 142 17.41 9.95 -8.86
N ASP A 143 17.41 11.10 -9.56
CA ASP A 143 17.37 12.45 -8.98
C ASP A 143 16.15 12.76 -8.11
N ASP A 144 15.06 12.02 -8.32
CA ASP A 144 13.81 12.27 -7.63
C ASP A 144 13.56 11.29 -6.48
N LYS A 145 14.48 10.34 -6.26
CA LYS A 145 14.34 9.33 -5.22
C LYS A 145 14.09 9.98 -3.85
N LYS A 146 14.84 11.04 -3.53
CA LYS A 146 14.59 11.74 -2.27
C LYS A 146 13.20 12.30 -2.16
N ARG A 147 12.73 12.98 -3.21
CA ARG A 147 11.41 13.63 -3.25
C ARG A 147 10.34 12.52 -3.20
N ILE A 148 10.55 11.36 -3.85
CA ILE A 148 9.56 10.28 -3.80
C ILE A 148 9.42 9.78 -2.35
N ILE A 149 10.58 9.59 -1.70
CA ILE A 149 10.61 9.14 -0.33
C ILE A 149 9.92 10.14 0.58
N ASP A 150 10.20 11.42 0.37
CA ASP A 150 9.54 12.44 1.19
C ASP A 150 8.04 12.51 0.96
N SER A 151 7.61 12.27 -0.28
CA SER A 151 6.18 12.18 -0.58
C SER A 151 5.48 11.06 0.21
N ALA A 152 6.15 9.91 0.29
CA ALA A 152 5.61 8.79 1.07
C ALA A 152 5.52 9.20 2.53
N ARG A 153 6.64 9.72 3.05
CA ARG A 153 6.73 10.13 4.49
C ARG A 153 5.60 11.13 4.81
N SER A 154 5.43 12.14 3.97
CA SER A 154 4.47 13.21 4.24
C SER A 154 3.04 12.68 4.29
N ALA A 155 2.73 11.77 3.38
CA ALA A 155 1.39 11.17 3.37
C ALA A 155 1.14 10.33 4.62
N TYR A 156 2.09 9.47 4.96
CA TYR A 156 2.03 8.61 6.16
C TYR A 156 1.89 9.51 7.38
N GLN A 157 2.65 10.61 7.42
CA GLN A 157 2.67 11.43 8.64
C GLN A 157 1.34 12.10 8.85
N GLU A 158 0.73 12.63 7.76
CA GLU A 158 -0.60 13.24 7.87
C GLU A 158 -1.62 12.20 8.36
N ALA A 159 -1.55 10.99 7.79
CA ALA A 159 -2.42 9.88 8.20
C ALA A 159 -2.26 9.58 9.67
N MET A 160 -1.00 9.54 10.12
CA MET A 160 -0.69 9.21 11.51
C MET A 160 -1.28 10.29 12.42
N ASP A 161 -1.11 11.55 12.03
CA ASP A 161 -1.53 12.63 12.90
C ASP A 161 -3.04 12.55 13.10
N ILE A 162 -3.78 12.35 11.98
CA ILE A 162 -5.23 12.26 12.06
C ILE A 162 -5.65 11.02 12.89
N SER A 163 -4.98 9.88 12.64
CA SER A 163 -5.39 8.64 13.24
C SER A 163 -5.19 8.72 14.78
N LYS A 164 -4.12 9.37 15.23
CA LYS A 164 -3.87 9.51 16.65
C LYS A 164 -4.89 10.39 17.32
N LYS A 165 -5.35 11.42 16.63
CA LYS A 165 -6.33 12.32 17.19
C LYS A 165 -7.74 11.74 17.23
N GLU A 166 -8.10 10.99 16.17
CA GLU A 166 -9.47 10.69 15.86
C GLU A 166 -9.92 9.25 15.98
N MET A 167 -8.98 8.32 16.12
CA MET A 167 -9.30 6.90 16.17
C MET A 167 -8.72 6.25 17.40
N PRO A 168 -9.36 5.18 17.92
CA PRO A 168 -8.78 4.47 19.05
C PRO A 168 -7.54 3.72 18.61
N PRO A 169 -6.65 3.39 19.58
CA PRO A 169 -5.40 2.74 19.29
C PRO A 169 -5.59 1.33 18.73
N THR A 170 -6.78 0.74 18.88
CA THR A 170 -7.05 -0.57 18.30
C THR A 170 -7.70 -0.54 16.91
N ASN A 171 -7.99 0.65 16.42
CA ASN A 171 -8.61 0.75 15.12
C ASN A 171 -7.77 0.08 14.05
N PRO A 172 -8.30 -0.88 13.27
CA PRO A 172 -7.48 -1.63 12.31
C PRO A 172 -6.83 -0.78 11.21
N ILE A 173 -7.46 0.32 10.80
CA ILE A 173 -6.82 1.24 9.86
C ILE A 173 -5.63 1.92 10.51
N ARG A 174 -5.81 2.38 11.74
CA ARG A 174 -4.70 2.99 12.50
C ARG A 174 -3.57 1.96 12.66
N LEU A 175 -3.91 0.72 12.97
CA LEU A 175 -2.91 -0.30 13.15
C LEU A 175 -2.17 -0.60 11.88
N GLY A 176 -2.91 -0.72 10.78
CA GLY A 176 -2.29 -1.10 9.52
C GLY A 176 -1.44 0.02 8.95
N LEU A 177 -1.89 1.26 9.17
CA LEU A 177 -1.08 2.44 8.84
C LEU A 177 0.24 2.41 9.57
N ALA A 178 0.19 2.19 10.88
CA ALA A 178 1.41 2.14 11.68
C ALA A 178 2.35 1.02 11.27
N LEU A 179 1.79 -0.16 11.01
CA LEU A 179 2.55 -1.29 10.50
C LEU A 179 3.33 -0.86 9.25
N ASN A 180 2.62 -0.25 8.31
CA ASN A 180 3.26 0.09 7.00
C ASN A 180 4.25 1.25 7.12
N PHE A 181 3.97 2.25 7.97
CA PHE A 181 4.88 3.36 8.15
C PHE A 181 6.13 2.87 8.82
N SER A 182 5.97 1.93 9.78
CA SER A 182 7.11 1.26 10.40
C SER A 182 8.00 0.57 9.35
N VAL A 183 7.37 -0.17 8.43
CA VAL A 183 8.12 -0.79 7.31
C VAL A 183 8.79 0.27 6.41
N PHE A 184 8.09 1.38 6.14
CA PHE A 184 8.68 2.51 5.41
C PHE A 184 9.98 2.91 6.12
N HIS A 185 9.92 3.12 7.45
CA HIS A 185 11.12 3.51 8.16
C HIS A 185 12.24 2.51 7.99
N TYR A 186 11.94 1.22 8.12
CA TYR A 186 12.95 0.16 8.13
C TYR A 186 13.54 0.01 6.72
N GLU A 187 12.67 -0.05 5.73
CA GLU A 187 13.08 -0.50 4.41
C GLU A 187 13.44 0.62 3.43
N ILE A 188 12.88 1.80 3.64
CA ILE A 188 12.98 2.91 2.68
C ILE A 188 13.80 4.08 3.24
N ALA A 189 13.51 4.44 4.50
CA ALA A 189 14.13 5.62 5.12
C ALA A 189 15.43 5.33 5.89
N ASN A 190 15.86 4.08 5.91
CA ASN A 190 17.09 3.69 6.59
C ASN A 190 17.02 4.11 8.05
N SER A 191 15.87 3.89 8.69
CA SER A 191 15.63 4.31 10.07
C SER A 191 15.10 3.12 10.87
N PRO A 192 15.89 2.05 11.05
CA PRO A 192 15.39 0.86 11.73
C PRO A 192 14.98 1.16 13.20
N GLU A 193 15.68 2.04 13.88
CA GLU A 193 15.26 2.33 15.24
C GLU A 193 13.87 2.94 15.31
N GLU A 194 13.59 3.89 14.40
CA GLU A 194 12.28 4.47 14.30
C GLU A 194 11.21 3.39 13.99
N ALA A 195 11.53 2.50 13.06
CA ALA A 195 10.63 1.38 12.70
C ALA A 195 10.26 0.55 13.89
N ILE A 196 11.26 0.20 14.69
CA ILE A 196 11.08 -0.67 15.86
C ILE A 196 10.30 0.07 16.93
N SER A 197 10.67 1.32 17.23
CA SER A 197 9.95 2.11 18.20
C SER A 197 8.48 2.20 17.84
N LEU A 198 8.21 2.53 16.56
CA LEU A 198 6.83 2.69 16.13
C LEU A 198 6.06 1.40 16.30
N ALA A 199 6.62 0.27 15.87
CA ALA A 199 5.89 -0.98 15.94
C ALA A 199 5.60 -1.35 17.41
N LYS A 200 6.61 -1.15 18.26
CA LYS A 200 6.45 -1.47 19.69
C LYS A 200 5.39 -0.61 20.37
N THR A 201 5.47 0.72 20.21
CA THR A 201 4.54 1.61 20.84
C THR A 201 3.12 1.33 20.35
N THR A 202 2.99 1.11 19.04
CA THR A 202 1.67 0.84 18.46
C THR A 202 1.07 -0.43 19.06
N PHE A 203 1.91 -1.47 19.16
CA PHE A 203 1.47 -2.76 19.71
C PHE A 203 0.99 -2.57 21.17
N ASP A 204 1.82 -1.90 21.97
CA ASP A 204 1.57 -1.77 23.39
C ASP A 204 0.32 -0.92 23.65
N GLU A 205 0.12 0.15 22.88
CA GLU A 205 -1.04 0.98 23.05
C GLU A 205 -2.31 0.25 22.60
N ALA A 206 -2.20 -0.61 21.59
CA ALA A 206 -3.35 -1.40 21.19
C ALA A 206 -3.69 -2.43 22.30
N MET A 207 -2.65 -3.10 22.80
CA MET A 207 -2.84 -4.11 23.88
C MET A 207 -3.70 -3.55 25.00
N ALA A 208 -3.38 -2.32 25.40
CA ALA A 208 -4.01 -1.68 26.54
C ALA A 208 -5.48 -1.33 26.32
N ASP A 209 -5.93 -1.30 25.06
CA ASP A 209 -7.29 -0.90 24.71
C ASP A 209 -8.16 -2.10 24.28
N LEU A 210 -7.56 -3.30 24.19
CA LEU A 210 -8.27 -4.51 23.78
C LEU A 210 -9.50 -4.77 24.67
N HIS A 211 -9.42 -4.38 25.96
CA HIS A 211 -10.51 -4.67 26.92
C HIS A 211 -11.84 -4.01 26.56
N THR A 212 -11.80 -2.98 25.69
CA THR A 212 -12.97 -2.19 25.34
C THR A 212 -13.75 -2.83 24.19
N LEU A 213 -13.18 -3.85 23.57
CA LEU A 213 -13.66 -4.38 22.30
C LEU A 213 -14.57 -5.60 22.38
N SER A 214 -15.50 -5.67 21.43
CA SER A 214 -16.25 -6.87 21.23
C SER A 214 -15.32 -7.98 20.74
N GLU A 215 -15.83 -9.22 20.79
CA GLU A 215 -15.10 -10.36 20.27
C GLU A 215 -14.68 -10.17 18.80
N ASP A 216 -15.61 -9.66 17.97
CA ASP A 216 -15.30 -9.44 16.57
C ASP A 216 -14.23 -8.36 16.33
N SER A 217 -14.32 -7.26 17.07
CA SER A 217 -13.35 -6.17 16.90
C SER A 217 -11.97 -6.62 17.40
N TYR A 218 -12.02 -7.38 18.48
CA TYR A 218 -10.81 -8.01 19.08
C TYR A 218 -10.07 -8.87 18.05
N LYS A 219 -10.80 -9.70 17.30
CA LYS A 219 -10.19 -10.51 16.27
C LYS A 219 -9.43 -9.68 15.24
N ASP A 220 -10.07 -8.61 14.76
CA ASP A 220 -9.51 -7.76 13.71
C ASP A 220 -8.26 -7.06 14.21
N SER A 221 -8.33 -6.49 15.41
CA SER A 221 -7.18 -5.80 15.97
C SER A 221 -6.01 -6.72 16.29
N THR A 222 -6.30 -7.87 16.92
CA THR A 222 -5.23 -8.77 17.29
C THR A 222 -4.53 -9.37 16.08
N LEU A 223 -5.26 -9.52 14.97
CA LEU A 223 -4.61 -9.98 13.76
C LEU A 223 -3.50 -9.04 13.32
N ILE A 224 -3.79 -7.74 13.31
CA ILE A 224 -2.76 -6.78 12.88
C ILE A 224 -1.70 -6.64 13.92
N MET A 225 -2.08 -6.74 15.21
CA MET A 225 -1.07 -6.67 16.25
C MET A 225 -0.03 -7.79 16.08
N GLN A 226 -0.48 -8.97 15.66
CA GLN A 226 0.42 -10.07 15.41
C GLN A 226 1.40 -9.78 14.28
N LEU A 227 0.96 -9.02 13.27
CA LEU A 227 1.87 -8.60 12.20
C LEU A 227 2.94 -7.64 12.72
N LEU A 228 2.55 -6.69 13.59
CA LEU A 228 3.55 -5.85 14.26
C LEU A 228 4.57 -6.69 15.01
N ARG A 229 4.08 -7.66 15.78
CA ARG A 229 4.97 -8.57 16.54
C ARG A 229 5.87 -9.36 15.58
N ASP A 230 5.32 -9.79 14.46
CA ASP A 230 6.12 -10.57 13.51
C ASP A 230 7.27 -9.73 12.99
N ASN A 231 6.98 -8.46 12.64
CA ASN A 231 8.06 -7.56 12.21
C ASN A 231 9.10 -7.34 13.29
N LEU A 232 8.65 -7.07 14.51
CA LEU A 232 9.57 -6.86 15.63
C LEU A 232 10.45 -8.06 15.82
N THR A 233 9.88 -9.26 15.67
CA THR A 233 10.68 -10.49 15.79
C THR A 233 11.74 -10.60 14.69
N LEU A 234 11.35 -10.20 13.47
CA LEU A 234 12.24 -10.18 12.35
C LEU A 234 13.40 -9.21 12.57
N TRP A 235 13.14 -8.10 13.27
CA TRP A 235 14.07 -6.98 13.35
C TRP A 235 14.93 -6.95 14.58
N THR A 236 14.67 -7.87 15.52
CA THR A 236 15.36 -7.90 16.81
C THR A 236 15.84 -9.31 17.12
N PHE B 1 11.02 -10.53 3.64
CA PHE B 1 10.31 -9.21 3.58
C PHE B 1 9.34 -9.03 4.74
N PRO B 2 9.24 -7.81 5.30
CA PRO B 2 8.35 -7.60 6.44
C PRO B 2 6.87 -7.51 6.03
N ALA B 3 5.97 -7.68 6.99
CA ALA B 3 4.58 -7.65 6.75
C ALA B 3 4.06 -6.22 6.60
N TPO B 4 3.18 -6.05 5.61
CA TPO B 4 2.36 -4.84 5.37
CB TPO B 4 2.93 -3.94 4.26
CG2 TPO B 4 4.29 -3.38 4.63
OG1 TPO B 4 3.06 -4.79 3.07
P TPO B 4 3.43 -4.14 1.63
O1P TPO B 4 3.01 -5.28 0.70
O2P TPO B 4 4.92 -3.88 1.60
O3P TPO B 4 2.62 -2.91 1.50
C TPO B 4 0.95 -5.28 5.01
O TPO B 4 0.76 -6.45 4.60
N VAL B 5 -0.01 -4.38 5.19
CA VAL B 5 -1.38 -4.62 4.85
C VAL B 5 -1.95 -3.56 3.99
MG MG C . 6.68 8.77 18.59
MG MG D . -25.92 5.84 -13.30
MG MG E . 13.25 2.96 -15.03
O1 O4I F . -6.58 -5.35 8.34
O2 O4I F . -8.42 -7.17 6.04
O3 O4I F . -12.87 0.14 7.64
C1 O4I F . -5.99 -7.29 7.20
C2 O4I F . -7.15 -6.61 7.94
C3 O4I F . -7.51 -7.40 9.20
C4 O4I F . -6.36 -4.28 7.49
C5 O4I F . -5.97 -3.12 8.14
C6 O4I F . -5.78 -1.97 7.42
C7 O4I F . -5.96 -2.02 6.05
CL1 O4I F . -5.70 -0.57 5.17
C8 O4I F . -6.32 -3.16 5.38
C9 O4I F . -6.52 -4.32 6.11
C10 O4I F . -8.36 -6.39 7.02
N1 O4I F . -9.26 -5.37 7.19
C11 O4I F . -10.36 -5.14 6.22
C12 O4I F . -10.40 -3.67 5.87
C13 O4I F . -10.68 -2.80 7.09
C14 O4I F . -10.55 -1.32 6.78
N2 O4I F . -11.56 -0.67 5.93
C15 O4I F . -12.59 0.03 6.40
C16 O4I F . -13.53 0.66 5.35
C17 O4I F . -9.73 -3.17 8.24
C18 O4I F . -9.55 -4.69 8.46
#